data_6ABK
#
_entry.id   6ABK
#
_cell.length_a   101.245
_cell.length_b   43.906
_cell.length_c   72.451
_cell.angle_alpha   90.00
_cell.angle_beta   118.69
_cell.angle_gamma   90.00
#
_symmetry.space_group_name_H-M   'C 1 2 1'
#
loop_
_entity.id
_entity.type
_entity.pdbx_description
1 polymer 'Pyrrolysine--tRNA ligase'
2 non-polymer 'MAGNESIUM ION'
3 non-polymer "ADENOSINE-5'-TRIPHOSPHATE"
4 non-polymer '(2S)-2-azanyl-6-(trimethylsilylmethoxycarbonylamino)hexanoic acid'
5 water water
#
_entity_poly.entity_id   1
_entity_poly.type   'polypeptide(L)'
_entity_poly.pdbx_seq_one_letter_code
;GSHMASAPALTKSQTDRLEVLLNPKDEISLNSGKPFRELESELLSRRKKDLQQIYAEERENYLGKLEREITRFFVDRGFL
EIKSPILIPLEYIERMGIDNDTELSKQIFRVDKNFCLRPMLAPNLANYLRKLDRALPDPIKIFEIGPCYRKESDGKEHLE
EFTMLNFCQMGSGCTRENLESIITDFLNHLGIDFKIVGDSCMVFGDTLDVMHGDLELSSAVVGPIPLDREWGIDKPWIGA
GFGLERLLKVKHDFKNIKRAARSGSYYNGISTNL
;
_entity_poly.pdbx_strand_id   A
#
# COMPACT_ATOMS: atom_id res chain seq x y z
N PRO A 8 12.66 -23.52 -32.01
CA PRO A 8 13.16 -22.84 -30.82
C PRO A 8 12.15 -21.83 -30.22
N ALA A 9 10.83 -22.05 -30.35
CA ALA A 9 9.86 -21.12 -29.75
C ALA A 9 9.42 -21.59 -28.36
N LEU A 10 9.19 -20.63 -27.46
CA LEU A 10 8.77 -20.93 -26.09
C LEU A 10 7.27 -20.95 -25.97
N THR A 11 6.76 -21.91 -25.20
CA THR A 11 5.33 -21.95 -24.93
C THR A 11 4.95 -20.87 -23.94
N LYS A 12 3.65 -20.64 -23.83
CA LYS A 12 3.20 -19.71 -22.81
C LYS A 12 3.61 -20.18 -21.41
N SER A 13 3.52 -21.48 -21.13
CA SER A 13 3.95 -21.96 -19.81
C SER A 13 5.43 -21.70 -19.58
N GLN A 14 6.26 -21.92 -20.61
CA GLN A 14 7.70 -21.66 -20.48
C GLN A 14 7.98 -20.19 -20.26
N THR A 15 7.34 -19.31 -21.05
CA THR A 15 7.51 -17.88 -20.88
C THR A 15 7.06 -17.44 -19.45
N ASP A 16 5.95 -18.00 -18.98
CA ASP A 16 5.49 -17.62 -17.64
C ASP A 16 6.49 -18.04 -16.57
N ARG A 17 7.12 -19.20 -16.75
CA ARG A 17 8.11 -19.66 -15.76
C ARG A 17 9.31 -18.73 -15.76
N LEU A 18 9.80 -18.38 -16.97
CA LEU A 18 10.93 -17.48 -17.02
C LEU A 18 10.59 -16.11 -16.45
N GLU A 19 9.36 -15.61 -16.68
CA GLU A 19 8.98 -14.32 -16.09
C GLU A 19 8.94 -14.36 -14.58
N VAL A 20 8.49 -15.50 -14.00
CA VAL A 20 8.54 -15.63 -12.54
C VAL A 20 9.97 -15.47 -12.05
N LEU A 21 10.93 -16.04 -12.78
CA LEU A 21 12.33 -16.05 -12.34
C LEU A 21 13.10 -14.80 -12.74
N LEU A 22 12.58 -13.96 -13.64
CA LEU A 22 13.26 -12.77 -14.07
C LEU A 22 13.09 -11.65 -13.05
N ASN A 23 14.11 -10.84 -12.96
CA ASN A 23 14.02 -9.69 -12.06
C ASN A 23 14.35 -8.43 -12.85
N PRO A 24 13.93 -7.26 -12.36
CA PRO A 24 14.09 -6.03 -13.17
C PRO A 24 15.54 -5.74 -13.56
N LYS A 25 16.51 -6.08 -12.70
CA LYS A 25 17.87 -5.74 -13.03
C LYS A 25 18.44 -6.64 -14.12
N ASP A 26 17.79 -7.76 -14.42
CA ASP A 26 18.29 -8.59 -15.49
C ASP A 26 18.10 -7.88 -16.82
N GLU A 27 18.98 -8.20 -17.75
CA GLU A 27 18.76 -7.84 -19.15
C GLU A 27 19.03 -9.11 -19.95
N ILE A 28 17.95 -9.87 -20.12
CA ILE A 28 17.94 -11.18 -20.77
C ILE A 28 16.74 -11.21 -21.72
N SER A 29 17.00 -11.55 -22.97
CA SER A 29 15.92 -11.71 -23.94
C SER A 29 15.36 -13.14 -23.83
N LEU A 30 14.06 -13.26 -23.54
CA LEU A 30 13.49 -14.60 -23.38
C LEU A 30 13.30 -15.30 -24.70
N ASN A 31 13.11 -14.56 -25.80
CA ASN A 31 12.96 -15.28 -27.07
C ASN A 31 14.07 -14.92 -28.07
N SER A 32 15.31 -14.94 -27.59
CA SER A 32 16.45 -14.82 -28.49
C SER A 32 16.62 -16.07 -29.33
N GLY A 33 16.07 -17.21 -28.90
CA GLY A 33 16.32 -18.49 -29.55
C GLY A 33 17.21 -19.40 -28.72
N LYS A 34 17.79 -18.90 -27.63
CA LYS A 34 18.38 -19.75 -26.59
C LYS A 34 17.30 -20.68 -26.05
N PRO A 35 17.63 -21.92 -25.77
CA PRO A 35 16.60 -22.87 -25.37
C PRO A 35 16.13 -22.54 -23.96
N PHE A 36 14.87 -22.92 -23.72
CA PHE A 36 14.28 -22.73 -22.40
C PHE A 36 15.19 -23.29 -21.32
N ARG A 37 15.76 -24.49 -21.50
N ARG A 37 15.69 -24.51 -21.52
CA ARG A 37 16.56 -25.09 -20.42
CA ARG A 37 16.69 -25.17 -20.67
C ARG A 37 17.72 -24.17 -19.98
C ARG A 37 17.68 -24.19 -20.04
N GLU A 38 18.34 -23.45 -20.92
CA GLU A 38 19.47 -22.64 -20.56
C GLU A 38 19.03 -21.36 -19.89
N LEU A 39 17.98 -20.73 -20.43
CA LEU A 39 17.41 -19.55 -19.78
C LEU A 39 16.94 -19.87 -18.38
N GLU A 40 16.23 -20.97 -18.21
CA GLU A 40 15.80 -21.31 -16.86
C GLU A 40 16.95 -21.57 -15.92
N SER A 41 17.98 -22.31 -16.37
N SER A 41 17.98 -22.31 -16.37
CA SER A 41 19.10 -22.60 -15.48
CA SER A 41 19.12 -22.60 -15.49
C SER A 41 19.87 -21.34 -15.10
C SER A 41 19.87 -21.33 -15.10
N GLU A 42 20.07 -20.43 -16.06
CA GLU A 42 20.74 -19.17 -15.75
C GLU A 42 19.94 -18.37 -14.73
N LEU A 43 18.62 -18.23 -14.95
CA LEU A 43 17.81 -17.41 -14.01
C LEU A 43 17.75 -18.08 -12.65
N LEU A 44 17.62 -19.42 -12.63
CA LEU A 44 17.61 -20.11 -11.33
C LEU A 44 18.89 -19.84 -10.57
N SER A 45 20.04 -19.84 -11.25
N SER A 45 20.03 -19.82 -11.26
CA SER A 45 21.30 -19.58 -10.54
CA SER A 45 21.30 -19.57 -10.55
C SER A 45 21.38 -18.14 -10.04
C SER A 45 21.39 -18.14 -10.05
N ARG A 46 20.90 -17.18 -10.83
CA ARG A 46 20.90 -15.77 -10.39
C ARG A 46 20.02 -15.63 -9.14
N ARG A 47 18.83 -16.23 -9.17
CA ARG A 47 17.89 -16.02 -8.06
C ARG A 47 18.35 -16.76 -6.81
N LYS A 48 18.91 -17.97 -6.95
CA LYS A 48 19.49 -18.62 -5.76
C LYS A 48 20.61 -17.77 -5.19
N LYS A 49 21.46 -17.18 -6.05
CA LYS A 49 22.51 -16.31 -5.49
C LYS A 49 21.92 -15.08 -4.78
N ASP A 50 20.89 -14.46 -5.38
CA ASP A 50 20.26 -13.31 -4.75
C ASP A 50 19.68 -13.67 -3.38
N LEU A 51 19.01 -14.82 -3.27
CA LEU A 51 18.41 -15.20 -1.99
C LEU A 51 19.48 -15.56 -0.97
N GLN A 52 20.55 -16.19 -1.42
CA GLN A 52 21.64 -16.53 -0.50
C GLN A 52 22.29 -15.25 0.03
N GLN A 53 22.39 -14.22 -0.82
CA GLN A 53 22.98 -12.97 -0.36
C GLN A 53 22.05 -12.29 0.63
N ILE A 54 20.71 -12.35 0.38
CA ILE A 54 19.80 -11.77 1.39
C ILE A 54 19.96 -12.52 2.70
N TYR A 55 20.02 -13.83 2.64
CA TYR A 55 20.08 -14.59 3.90
C TYR A 55 21.38 -14.35 4.63
N ALA A 56 22.49 -14.26 3.89
CA ALA A 56 23.76 -14.00 4.58
C ALA A 56 23.88 -12.59 5.14
N GLU A 57 23.26 -11.55 4.51
CA GLU A 57 23.67 -10.16 4.81
C GLU A 57 22.56 -9.18 5.22
N GLU A 58 21.30 -9.45 4.97
CA GLU A 58 20.40 -8.40 5.47
C GLU A 58 19.29 -8.99 6.36
N ARG A 59 18.61 -9.91 5.76
CA ARG A 59 17.57 -10.78 6.30
C ARG A 59 16.28 -10.06 6.62
N GLU A 60 16.11 -8.82 6.20
CA GLU A 60 14.87 -8.10 6.54
C GLU A 60 13.93 -8.21 5.33
N ASN A 61 12.64 -8.35 5.63
CA ASN A 61 11.59 -8.43 4.66
C ASN A 61 11.26 -7.03 4.12
N TYR A 62 11.05 -6.88 2.81
CA TYR A 62 10.84 -5.53 2.28
C TYR A 62 9.64 -4.84 2.91
N LEU A 63 8.52 -5.56 3.08
CA LEU A 63 7.33 -4.90 3.63
C LEU A 63 7.58 -4.53 5.08
N GLY A 64 8.19 -5.44 5.84
CA GLY A 64 8.49 -5.11 7.24
C GLY A 64 9.45 -3.96 7.37
N LYS A 65 10.53 -4.00 6.58
CA LYS A 65 11.52 -2.92 6.63
C LYS A 65 10.92 -1.56 6.23
N LEU A 66 10.04 -1.52 5.21
CA LEU A 66 9.46 -0.27 4.79
C LEU A 66 8.51 0.20 5.86
N GLU A 67 7.71 -0.70 6.45
CA GLU A 67 6.86 -0.26 7.55
C GLU A 67 7.72 0.39 8.64
N ARG A 68 8.85 -0.25 9.01
CA ARG A 68 9.65 0.33 10.09
C ARG A 68 10.20 1.70 9.69
N GLU A 69 10.65 1.84 8.45
CA GLU A 69 11.18 3.13 7.97
C GLU A 69 10.11 4.21 8.03
N ILE A 70 8.91 3.89 7.54
CA ILE A 70 7.80 4.85 7.57
C ILE A 70 7.44 5.17 9.00
N THR A 71 7.40 4.15 9.87
CA THR A 71 7.04 4.43 11.28
C THR A 71 8.00 5.42 11.90
N ARG A 72 9.32 5.23 11.68
CA ARG A 72 10.27 6.17 12.27
C ARG A 72 10.05 7.57 11.70
N PHE A 73 9.76 7.67 10.40
CA PHE A 73 9.53 8.98 9.83
C PHE A 73 8.39 9.72 10.55
N PHE A 74 7.24 9.05 10.69
CA PHE A 74 6.10 9.74 11.27
C PHE A 74 6.25 9.92 12.77
N VAL A 75 6.79 8.92 13.50
CA VAL A 75 7.01 9.14 14.95
C VAL A 75 7.90 10.36 15.14
N ASP A 76 8.95 10.49 14.34
CA ASP A 76 9.88 11.61 14.53
C ASP A 76 9.23 12.94 14.19
N ARG A 77 8.19 12.95 13.39
CA ARG A 77 7.49 14.19 13.06
C ARG A 77 6.30 14.46 13.95
N GLY A 78 6.19 13.72 15.05
CA GLY A 78 5.19 14.04 16.05
C GLY A 78 3.87 13.31 15.91
N PHE A 79 3.81 12.26 15.10
CA PHE A 79 2.58 11.50 14.96
C PHE A 79 2.60 10.28 15.85
N LEU A 80 1.47 10.01 16.49
CA LEU A 80 1.34 8.86 17.38
C LEU A 80 1.08 7.58 16.58
N GLU A 81 1.83 6.49 16.88
CA GLU A 81 1.73 5.25 16.11
C GLU A 81 0.52 4.45 16.66
N ILE A 82 -0.42 4.11 15.79
CA ILE A 82 -1.64 3.41 16.15
C ILE A 82 -1.54 1.98 15.62
N LYS A 83 -2.04 1.00 16.38
CA LYS A 83 -2.28 -0.35 15.82
C LYS A 83 -3.69 -0.73 16.23
N SER A 84 -4.60 -0.70 15.28
CA SER A 84 -6.02 -0.89 15.58
C SER A 84 -6.53 -2.18 14.93
N PRO A 85 -7.79 -2.58 15.18
CA PRO A 85 -8.23 -3.89 14.70
C PRO A 85 -8.23 -3.99 13.20
N ILE A 86 -7.89 -5.19 12.71
CA ILE A 86 -8.04 -5.48 11.26
C ILE A 86 -9.43 -6.05 11.00
N LEU A 87 -9.93 -6.85 11.95
CA LEU A 87 -11.28 -7.41 11.95
C LEU A 87 -12.20 -6.38 12.60
N ILE A 88 -13.13 -5.80 11.81
CA ILE A 88 -13.91 -4.63 12.26
C ILE A 88 -15.40 -4.91 12.09
N PRO A 89 -16.25 -4.13 12.77
CA PRO A 89 -17.70 -4.28 12.54
C PRO A 89 -18.12 -3.97 11.12
N LEU A 90 -18.98 -4.85 10.58
CA LEU A 90 -19.55 -4.64 9.26
C LEU A 90 -20.32 -3.33 9.19
N GLU A 91 -20.86 -2.89 10.33
CA GLU A 91 -21.60 -1.64 10.40
C GLU A 91 -20.70 -0.45 10.06
N TYR A 92 -19.38 -0.57 10.22
CA TYR A 92 -18.55 0.54 9.79
C TYR A 92 -18.69 0.81 8.29
N ILE A 93 -18.89 -0.22 7.47
CA ILE A 93 -18.94 -0.01 6.02
C ILE A 93 -20.09 0.91 5.65
N GLU A 94 -21.30 0.60 6.13
CA GLU A 94 -22.42 1.46 5.80
C GLU A 94 -22.22 2.87 6.37
N ARG A 95 -21.62 2.96 7.57
CA ARG A 95 -21.41 4.27 8.18
C ARG A 95 -20.33 5.07 7.48
N MET A 96 -19.43 4.41 6.75
CA MET A 96 -18.49 5.19 5.96
C MET A 96 -19.10 5.71 4.68
N GLY A 97 -20.38 5.44 4.45
CA GLY A 97 -21.00 5.84 3.18
C GLY A 97 -20.59 4.96 2.03
N ILE A 98 -20.24 3.71 2.31
CA ILE A 98 -20.01 2.73 1.26
C ILE A 98 -21.37 2.10 1.01
N ASP A 99 -22.12 2.66 0.06
CA ASP A 99 -23.50 2.23 -0.14
C ASP A 99 -23.54 0.74 -0.49
N ASN A 100 -24.50 0.01 0.09
CA ASN A 100 -24.47 -1.46 0.07
C ASN A 100 -24.39 -1.99 -1.36
N ASP A 101 -25.14 -1.39 -2.26
CA ASP A 101 -24.77 -1.15 -3.65
C ASP A 101 -23.86 -2.15 -4.35
N THR A 102 -22.96 -1.58 -5.17
CA THR A 102 -21.97 -2.33 -5.93
C THR A 102 -20.56 -1.93 -5.47
N GLU A 103 -19.82 -1.23 -6.33
CA GLU A 103 -18.49 -0.64 -6.13
C GLU A 103 -17.64 -1.21 -4.98
N LEU A 104 -17.15 -0.34 -4.08
CA LEU A 104 -16.38 -0.77 -2.92
C LEU A 104 -17.15 -1.77 -2.07
N SER A 105 -18.49 -1.64 -2.02
CA SER A 105 -19.26 -2.51 -1.14
C SER A 105 -19.10 -3.96 -1.54
N LYS A 106 -18.98 -4.22 -2.85
CA LYS A 106 -18.83 -5.59 -3.33
C LYS A 106 -17.42 -6.08 -3.09
N GLN A 107 -16.51 -5.18 -2.79
CA GLN A 107 -15.13 -5.57 -2.55
C GLN A 107 -14.88 -5.99 -1.12
N ILE A 108 -15.87 -6.01 -0.26
CA ILE A 108 -15.61 -6.23 1.17
C ILE A 108 -15.59 -7.71 1.47
N PHE A 109 -14.54 -8.19 2.21
CA PHE A 109 -14.49 -9.58 2.68
C PHE A 109 -15.31 -9.67 3.96
N ARG A 110 -16.40 -10.42 3.93
CA ARG A 110 -17.20 -10.56 5.15
C ARG A 110 -16.72 -11.71 6.00
N VAL A 111 -16.82 -11.54 7.31
CA VAL A 111 -16.38 -12.55 8.27
C VAL A 111 -17.56 -12.84 9.20
N ASP A 112 -17.99 -14.11 9.23
CA ASP A 112 -19.17 -14.42 10.05
C ASP A 112 -20.34 -13.56 9.56
N LYS A 113 -21.20 -13.10 10.44
CA LYS A 113 -22.37 -12.32 10.07
C LYS A 113 -22.17 -10.83 10.25
N ASN A 114 -21.44 -10.40 11.27
CA ASN A 114 -21.44 -9.01 11.65
C ASN A 114 -20.08 -8.34 11.54
N PHE A 115 -19.08 -9.03 10.97
CA PHE A 115 -17.72 -8.48 10.91
C PHE A 115 -17.23 -8.45 9.45
N CYS A 116 -16.12 -7.75 9.22
CA CYS A 116 -15.51 -7.78 7.89
C CYS A 116 -14.03 -7.49 8.10
N LEU A 117 -13.23 -7.79 7.08
CA LEU A 117 -11.83 -7.34 7.10
C LEU A 117 -11.83 -5.88 6.67
N ARG A 118 -11.08 -5.05 7.38
CA ARG A 118 -11.13 -3.62 7.00
C ARG A 118 -10.60 -3.42 5.57
N PRO A 119 -11.28 -2.59 4.77
CA PRO A 119 -10.76 -2.23 3.44
C PRO A 119 -9.90 -1.00 3.44
N MET A 120 -9.86 -0.29 4.58
CA MET A 120 -9.15 0.98 4.71
C MET A 120 -8.92 1.18 6.20
N LEU A 121 -7.96 2.06 6.53
CA LEU A 121 -7.74 2.38 7.95
C LEU A 121 -8.57 3.53 8.45
N ALA A 122 -9.20 4.30 7.56
CA ALA A 122 -9.86 5.54 7.99
C ALA A 122 -10.83 5.43 9.17
N PRO A 123 -11.80 4.51 9.19
CA PRO A 123 -12.78 4.51 10.29
C PRO A 123 -12.14 4.34 11.66
N ASN A 124 -11.17 3.42 11.79
CA ASN A 124 -10.55 3.29 13.10
C ASN A 124 -9.78 4.56 13.45
N LEU A 125 -9.12 5.20 12.45
CA LEU A 125 -8.36 6.42 12.77
C LEU A 125 -9.31 7.57 13.13
N ALA A 126 -10.47 7.66 12.47
CA ALA A 126 -11.46 8.66 12.87
C ALA A 126 -11.85 8.49 14.33
N ASN A 127 -12.07 7.25 14.77
CA ASN A 127 -12.44 7.04 16.17
C ASN A 127 -11.29 7.47 17.08
N TYR A 128 -10.04 7.12 16.72
CA TYR A 128 -8.92 7.59 17.52
C TYR A 128 -8.80 9.12 17.56
N LEU A 129 -8.99 9.82 16.42
CA LEU A 129 -8.89 11.27 16.47
C LEU A 129 -9.92 11.80 17.46
N ARG A 130 -11.16 11.31 17.35
CA ARG A 130 -12.24 11.80 18.25
C ARG A 130 -11.87 11.57 19.70
N LYS A 131 -11.44 10.36 20.04
CA LYS A 131 -11.14 10.05 21.43
C LYS A 131 -9.92 10.80 21.94
N LEU A 132 -8.86 10.85 21.14
CA LEU A 132 -7.65 11.50 21.61
C LEU A 132 -7.82 13.01 21.76
N ASP A 133 -8.75 13.63 21.01
CA ASP A 133 -8.97 15.06 21.15
C ASP A 133 -9.45 15.42 22.55
N ARG A 134 -9.93 14.44 23.28
CA ARG A 134 -10.36 14.75 24.65
C ARG A 134 -9.21 14.82 25.61
N ALA A 135 -8.02 14.34 25.23
CA ALA A 135 -6.91 14.23 26.18
C ALA A 135 -5.65 14.90 25.70
N LEU A 136 -5.43 15.07 24.38
CA LEU A 136 -4.13 15.49 23.88
C LEU A 136 -4.21 16.94 23.41
N PRO A 137 -3.09 17.64 23.39
CA PRO A 137 -3.10 19.04 22.93
C PRO A 137 -3.20 19.12 21.41
N ASP A 138 -3.80 20.21 20.97
CA ASP A 138 -3.95 20.48 19.55
C ASP A 138 -2.58 20.75 18.90
N PRO A 139 -2.28 20.17 17.73
CA PRO A 139 -3.13 19.33 16.89
C PRO A 139 -2.92 17.89 17.28
N ILE A 140 -3.89 17.07 16.93
CA ILE A 140 -3.81 15.61 17.07
C ILE A 140 -3.22 15.01 15.80
N LYS A 141 -2.13 14.28 15.93
CA LYS A 141 -1.42 13.75 14.76
C LYS A 141 -1.23 12.26 15.02
N ILE A 142 -1.78 11.42 14.14
CA ILE A 142 -1.67 9.96 14.33
C ILE A 142 -1.45 9.29 12.99
N PHE A 143 -0.97 8.05 13.05
CA PHE A 143 -0.88 7.31 11.78
C PHE A 143 -0.95 5.83 12.11
N GLU A 144 -1.24 5.03 11.08
CA GLU A 144 -1.23 3.59 11.23
C GLU A 144 -0.72 2.96 9.93
N ILE A 145 -0.02 1.83 10.08
CA ILE A 145 0.36 0.99 8.94
C ILE A 145 -0.19 -0.39 9.23
N GLY A 146 -0.85 -1.01 8.24
CA GLY A 146 -1.15 -2.41 8.46
C GLY A 146 -2.02 -2.98 7.35
N PRO A 147 -2.38 -4.24 7.48
CA PRO A 147 -3.11 -4.94 6.41
C PRO A 147 -4.49 -4.38 6.21
N CYS A 148 -4.89 -4.32 4.94
CA CYS A 148 -6.25 -4.03 4.51
C CYS A 148 -6.60 -4.98 3.38
N TYR A 149 -7.91 -5.09 3.10
CA TYR A 149 -8.42 -6.18 2.27
C TYR A 149 -9.52 -5.69 1.34
N ARG A 150 -9.38 -6.01 0.06
CA ARG A 150 -10.44 -5.72 -0.92
C ARG A 150 -10.47 -6.85 -1.94
N LYS A 151 -11.69 -7.26 -2.33
CA LYS A 151 -11.76 -8.17 -3.48
C LYS A 151 -11.50 -7.33 -4.73
N GLU A 152 -10.53 -7.73 -5.51
CA GLU A 152 -10.20 -6.96 -6.70
C GLU A 152 -10.20 -7.90 -7.92
N SER A 153 -10.41 -7.33 -9.10
CA SER A 153 -10.24 -8.14 -10.30
C SER A 153 -8.85 -7.99 -10.89
N ASP A 154 -8.36 -6.76 -10.97
CA ASP A 154 -7.09 -6.46 -11.61
C ASP A 154 -5.96 -7.28 -11.01
N GLY A 155 -4.83 -7.22 -11.68
CA GLY A 155 -3.72 -7.94 -11.14
C GLY A 155 -2.40 -7.20 -11.17
N LYS A 156 -2.25 -6.14 -11.97
CA LYS A 156 -0.89 -5.58 -12.03
C LYS A 156 -0.59 -4.61 -10.90
N GLU A 157 -1.59 -3.83 -10.46
CA GLU A 157 -1.44 -2.83 -9.42
C GLU A 157 -2.33 -3.09 -8.21
N HIS A 158 -3.10 -4.17 -8.18
CA HIS A 158 -4.01 -4.45 -7.09
C HIS A 158 -3.74 -5.79 -6.48
N LEU A 159 -3.83 -5.84 -5.13
CA LEU A 159 -3.74 -7.04 -4.36
C LEU A 159 -5.00 -7.15 -3.52
N GLU A 160 -5.41 -8.40 -3.21
CA GLU A 160 -6.57 -8.55 -2.34
C GLU A 160 -6.18 -8.29 -0.88
N GLU A 161 -4.92 -8.60 -0.53
CA GLU A 161 -4.39 -8.39 0.82
C GLU A 161 -3.23 -7.42 0.60
N PHE A 162 -3.37 -6.17 1.05
CA PHE A 162 -2.29 -5.22 0.85
C PHE A 162 -2.05 -4.48 2.17
N THR A 163 -1.13 -3.53 2.16
CA THR A 163 -0.70 -2.86 3.37
C THR A 163 -0.89 -1.37 3.17
N MET A 164 -1.65 -0.72 4.05
N MET A 164 -1.68 -0.74 4.04
CA MET A 164 -1.89 0.72 3.89
CA MET A 164 -1.97 0.71 3.97
C MET A 164 -1.27 1.50 5.02
C MET A 164 -1.15 1.45 5.02
N LEU A 165 -0.66 2.64 4.66
CA LEU A 165 -0.27 3.68 5.64
C LEU A 165 -1.36 4.73 5.56
N ASN A 166 -1.90 5.19 6.70
CA ASN A 166 -2.75 6.40 6.66
C ASN A 166 -2.20 7.28 7.77
N PHE A 167 -1.86 8.52 7.43
CA PHE A 167 -1.56 9.45 8.50
C PHE A 167 -2.62 10.54 8.44
N CYS A 168 -2.80 11.17 9.60
CA CYS A 168 -3.85 12.19 9.60
C CYS A 168 -3.63 13.12 10.76
N GLN A 169 -4.31 14.26 10.66
CA GLN A 169 -4.12 15.29 11.66
C GLN A 169 -5.43 16.00 11.85
N MET A 170 -5.73 16.44 13.09
CA MET A 170 -6.99 17.12 13.35
C MET A 170 -6.72 18.31 14.27
N GLY A 171 -7.27 19.47 13.91
CA GLY A 171 -7.13 20.67 14.74
C GLY A 171 -6.51 21.77 13.91
N SER A 172 -5.46 22.39 14.46
CA SER A 172 -4.78 23.44 13.71
C SER A 172 -3.91 22.81 12.65
N GLY A 173 -3.53 23.66 11.69
CA GLY A 173 -2.63 23.17 10.68
C GLY A 173 -3.23 22.24 9.64
N CYS A 174 -4.56 22.09 9.53
CA CYS A 174 -5.15 21.11 8.63
C CYS A 174 -5.59 21.78 7.33
N THR A 175 -4.56 22.22 6.61
CA THR A 175 -4.71 22.91 5.35
C THR A 175 -4.19 22.09 4.20
N ARG A 176 -4.67 22.44 2.99
CA ARG A 176 -4.15 21.76 1.80
C ARG A 176 -2.65 21.92 1.72
N GLU A 177 -2.14 23.12 2.02
CA GLU A 177 -0.71 23.29 1.84
C GLU A 177 0.08 22.46 2.84
N ASN A 178 -0.40 22.34 4.08
CA ASN A 178 0.35 21.50 4.99
C ASN A 178 0.25 20.02 4.60
N LEU A 179 -0.91 19.57 4.13
CA LEU A 179 -1.04 18.18 3.65
C LEU A 179 -0.07 17.90 2.52
N GLU A 180 -0.02 18.82 1.54
CA GLU A 180 0.90 18.55 0.44
C GLU A 180 2.32 18.58 0.93
N SER A 181 2.61 19.43 1.91
N SER A 181 2.62 19.42 1.92
CA SER A 181 3.99 19.51 2.40
CA SER A 181 4.00 19.51 2.39
C SER A 181 4.39 18.21 3.08
C SER A 181 4.40 18.22 3.11
N ILE A 182 3.48 17.60 3.86
CA ILE A 182 3.81 16.30 4.48
C ILE A 182 4.05 15.25 3.41
N ILE A 183 3.15 15.16 2.44
CA ILE A 183 3.28 14.19 1.36
C ILE A 183 4.63 14.39 0.68
N THR A 184 4.97 15.65 0.40
CA THR A 184 6.23 15.97 -0.27
C THR A 184 7.42 15.53 0.57
N ASP A 185 7.42 15.85 1.87
CA ASP A 185 8.56 15.44 2.68
C ASP A 185 8.66 13.93 2.76
N PHE A 186 7.50 13.27 2.88
CA PHE A 186 7.47 11.80 2.95
C PHE A 186 8.02 11.17 1.68
N LEU A 187 7.51 11.56 0.53
CA LEU A 187 7.98 10.88 -0.67
C LEU A 187 9.39 11.31 -1.04
N ASN A 188 9.80 12.51 -0.69
CA ASN A 188 11.21 12.90 -0.83
C ASN A 188 12.09 12.00 0.04
N HIS A 189 11.63 11.63 1.23
CA HIS A 189 12.39 10.75 2.10
C HIS A 189 12.54 9.37 1.47
N LEU A 190 11.48 8.90 0.81
CA LEU A 190 11.57 7.63 0.08
C LEU A 190 12.23 7.73 -1.27
N GLY A 191 12.52 8.94 -1.77
CA GLY A 191 13.17 9.07 -3.09
C GLY A 191 12.26 8.83 -4.28
N ILE A 192 10.95 9.03 -4.11
CA ILE A 192 9.94 8.73 -5.10
C ILE A 192 9.35 10.03 -5.67
N ASP A 193 9.50 10.21 -6.99
CA ASP A 193 8.96 11.37 -7.69
C ASP A 193 7.46 11.25 -7.82
N PHE A 194 6.76 12.39 -7.80
CA PHE A 194 5.32 12.28 -7.93
C PHE A 194 4.75 13.61 -8.40
N LYS A 195 3.46 13.58 -8.74
CA LYS A 195 2.70 14.79 -8.96
C LYS A 195 1.37 14.64 -8.25
N ILE A 196 0.65 15.74 -8.02
CA ILE A 196 -0.68 15.70 -7.39
C ILE A 196 -1.71 16.05 -8.45
N VAL A 197 -2.77 15.23 -8.54
CA VAL A 197 -3.86 15.43 -9.51
C VAL A 197 -5.18 15.37 -8.77
N GLY A 198 -6.15 16.21 -9.13
CA GLY A 198 -7.47 16.09 -8.53
C GLY A 198 -8.13 14.80 -8.96
N ASP A 199 -8.88 14.19 -8.03
CA ASP A 199 -9.76 13.08 -8.37
C ASP A 199 -10.92 13.10 -7.39
N SER A 200 -11.70 12.02 -7.38
CA SER A 200 -12.91 12.02 -6.58
C SER A 200 -13.27 10.59 -6.23
N CYS A 201 -13.78 10.39 -5.01
CA CYS A 201 -14.25 9.08 -4.62
C CYS A 201 -15.53 9.17 -3.80
N MET A 202 -16.21 8.02 -3.71
CA MET A 202 -17.56 8.04 -3.14
C MET A 202 -17.55 8.28 -1.63
N VAL A 203 -16.47 7.93 -0.93
CA VAL A 203 -16.49 8.05 0.54
C VAL A 203 -16.14 9.45 0.97
N PHE A 204 -15.09 10.01 0.40
CA PHE A 204 -14.56 11.28 0.88
C PHE A 204 -14.87 12.46 -0.03
N GLY A 205 -15.27 12.20 -1.28
CA GLY A 205 -15.47 13.32 -2.20
C GLY A 205 -14.21 13.64 -2.98
N ASP A 206 -13.89 14.93 -3.12
CA ASP A 206 -12.67 15.34 -3.83
C ASP A 206 -11.44 14.86 -3.11
N THR A 207 -10.51 14.35 -3.87
CA THR A 207 -9.25 13.89 -3.31
C THR A 207 -8.12 14.52 -4.08
N LEU A 208 -7.03 14.70 -3.38
CA LEU A 208 -5.74 14.96 -4.01
C LEU A 208 -5.08 13.62 -4.22
N ASP A 209 -4.98 13.15 -5.47
CA ASP A 209 -4.34 11.87 -5.70
C ASP A 209 -2.88 12.09 -5.99
N VAL A 210 -2.04 11.28 -5.38
CA VAL A 210 -0.59 11.37 -5.48
C VAL A 210 -0.19 10.34 -6.52
N MET A 211 0.33 10.77 -7.66
CA MET A 211 0.55 9.91 -8.82
C MET A 211 2.05 9.78 -9.12
N HIS A 212 2.47 8.58 -9.43
CA HIS A 212 3.80 8.35 -9.95
C HIS A 212 3.53 7.81 -11.35
N GLY A 213 3.67 8.70 -12.36
CA GLY A 213 3.18 8.33 -13.68
C GLY A 213 1.70 8.07 -13.63
N ASP A 214 1.30 6.90 -14.14
CA ASP A 214 -0.11 6.55 -14.11
C ASP A 214 -0.47 5.72 -12.90
N LEU A 215 0.44 5.57 -11.93
CA LEU A 215 0.24 4.70 -10.76
C LEU A 215 -0.20 5.60 -9.61
N GLU A 216 -1.39 5.32 -9.07
CA GLU A 216 -1.91 6.04 -7.90
C GLU A 216 -1.18 5.53 -6.65
N LEU A 217 -0.39 6.40 -6.02
CA LEU A 217 0.24 6.00 -4.76
C LEU A 217 -0.65 6.30 -3.56
N SER A 218 -1.44 7.38 -3.63
CA SER A 218 -2.24 7.74 -2.46
C SER A 218 -3.47 8.51 -2.93
N SER A 219 -4.52 8.43 -2.13
CA SER A 219 -5.55 9.49 -2.11
C SER A 219 -5.47 10.21 -0.79
N ALA A 220 -5.57 11.55 -0.85
CA ALA A 220 -5.47 12.41 0.33
C ALA A 220 -6.69 13.30 0.34
N VAL A 221 -7.03 13.78 1.53
CA VAL A 221 -8.30 14.49 1.70
C VAL A 221 -8.09 15.64 2.66
N VAL A 222 -8.67 16.82 2.32
CA VAL A 222 -8.78 17.94 3.26
C VAL A 222 -10.22 18.04 3.75
N GLY A 223 -10.42 17.84 5.03
CA GLY A 223 -11.71 18.03 5.63
C GLY A 223 -11.98 19.51 5.87
N PRO A 224 -13.10 19.79 6.51
CA PRO A 224 -14.17 18.89 6.90
C PRO A 224 -14.97 18.37 5.69
N ILE A 225 -15.65 17.23 5.87
CA ILE A 225 -16.55 16.64 4.88
C ILE A 225 -17.83 16.23 5.60
N PRO A 226 -18.91 16.00 4.86
CA PRO A 226 -20.18 15.79 5.55
C PRO A 226 -20.21 14.51 6.37
N LEU A 227 -19.42 13.50 5.97
CA LEU A 227 -19.26 12.28 6.75
C LEU A 227 -18.81 12.53 8.21
N ASP A 228 -18.19 13.69 8.49
CA ASP A 228 -17.58 13.89 9.81
C ASP A 228 -18.62 13.69 10.91
N ARG A 229 -19.84 14.19 10.73
CA ARG A 229 -20.83 14.17 11.81
C ARG A 229 -21.12 12.75 12.24
N GLU A 230 -21.07 11.80 11.29
CA GLU A 230 -21.47 10.46 11.63
C GLU A 230 -20.39 9.75 12.41
N TRP A 231 -19.20 10.35 12.46
CA TRP A 231 -18.06 9.81 13.19
C TRP A 231 -17.69 10.71 14.34
N GLY A 232 -18.48 11.75 14.57
CA GLY A 232 -18.17 12.60 15.69
C GLY A 232 -16.94 13.46 15.51
N ILE A 233 -16.56 13.72 14.28
CA ILE A 233 -15.43 14.58 13.97
C ILE A 233 -15.96 15.98 13.74
N ASP A 234 -15.41 16.94 14.44
CA ASP A 234 -16.03 18.25 14.44
C ASP A 234 -14.97 19.33 14.45
N LYS A 235 -13.83 19.03 13.81
CA LYS A 235 -12.76 20.00 13.64
C LYS A 235 -12.16 19.79 12.26
N PRO A 236 -11.38 20.75 11.78
CA PRO A 236 -10.63 20.55 10.54
C PRO A 236 -9.74 19.34 10.65
N TRP A 237 -9.49 18.69 9.51
CA TRP A 237 -8.59 17.56 9.53
C TRP A 237 -8.00 17.38 8.17
N ILE A 238 -6.88 16.63 8.09
CA ILE A 238 -6.30 16.25 6.80
C ILE A 238 -5.87 14.81 6.93
N GLY A 239 -5.75 14.11 5.79
CA GLY A 239 -5.20 12.75 5.92
C GLY A 239 -4.92 12.17 4.56
N ALA A 240 -4.11 11.09 4.53
CA ALA A 240 -3.76 10.47 3.26
C ALA A 240 -3.53 9.00 3.49
N GLY A 241 -3.94 8.19 2.51
CA GLY A 241 -3.68 6.73 2.57
C GLY A 241 -2.83 6.32 1.39
N PHE A 242 -1.78 5.54 1.69
CA PHE A 242 -0.78 5.08 0.73
C PHE A 242 -0.73 3.58 0.77
N GLY A 243 -0.58 2.96 -0.40
CA GLY A 243 -0.29 1.51 -0.44
C GLY A 243 1.19 1.18 -0.38
N LEU A 244 1.66 0.44 0.64
CA LEU A 244 3.09 0.14 0.72
C LEU A 244 3.56 -0.73 -0.44
N GLU A 245 2.77 -1.71 -0.87
CA GLU A 245 3.26 -2.54 -2.00
C GLU A 245 3.41 -1.69 -3.26
N ARG A 246 2.54 -0.68 -3.45
CA ARG A 246 2.76 0.20 -4.62
C ARG A 246 4.06 0.99 -4.47
N LEU A 247 4.37 1.49 -3.25
CA LEU A 247 5.64 2.16 -3.05
C LEU A 247 6.81 1.21 -3.38
N LEU A 248 6.74 -0.05 -2.93
CA LEU A 248 7.78 -1.02 -3.23
C LEU A 248 7.87 -1.28 -4.72
N LYS A 249 6.72 -1.38 -5.38
CA LYS A 249 6.72 -1.61 -6.84
C LYS A 249 7.49 -0.51 -7.53
N VAL A 250 7.28 0.74 -7.12
CA VAL A 250 8.03 1.82 -7.75
C VAL A 250 9.49 1.73 -7.40
N LYS A 251 9.82 1.56 -6.11
CA LYS A 251 11.19 1.57 -5.67
C LYS A 251 12.01 0.50 -6.35
N HIS A 252 11.42 -0.67 -6.62
CA HIS A 252 12.17 -1.81 -7.12
C HIS A 252 11.88 -2.09 -8.57
N ASP A 253 11.07 -1.27 -9.22
CA ASP A 253 10.76 -1.42 -10.65
C ASP A 253 10.13 -2.80 -10.95
N PHE A 254 9.28 -3.26 -10.05
CA PHE A 254 8.57 -4.52 -10.31
C PHE A 254 7.53 -4.34 -11.41
N LYS A 255 7.39 -5.38 -12.25
CA LYS A 255 6.34 -5.33 -13.26
C LYS A 255 4.99 -5.64 -12.71
N ASN A 256 4.93 -6.50 -11.68
CA ASN A 256 3.66 -6.86 -11.09
C ASN A 256 3.75 -6.61 -9.61
N ILE A 257 2.69 -6.00 -9.04
CA ILE A 257 2.64 -5.78 -7.61
C ILE A 257 2.74 -7.07 -6.76
N LYS A 258 2.48 -8.25 -7.32
CA LYS A 258 2.54 -9.46 -6.50
C LYS A 258 3.95 -9.69 -5.98
N ARG A 259 4.98 -9.17 -6.66
CA ARG A 259 6.35 -9.29 -6.16
C ARG A 259 6.59 -8.67 -4.83
N ALA A 260 5.73 -7.72 -4.46
CA ALA A 260 5.82 -6.89 -3.28
C ALA A 260 4.95 -7.41 -2.14
N ALA A 261 4.07 -8.35 -2.42
CA ALA A 261 2.96 -8.71 -1.52
C ALA A 261 3.41 -9.67 -0.45
N ARG A 262 2.61 -9.77 0.60
CA ARG A 262 2.69 -10.96 1.48
C ARG A 262 2.41 -12.15 0.62
N SER A 263 3.24 -13.16 0.74
CA SER A 263 3.18 -14.13 -0.33
C SER A 263 4.03 -15.27 0.14
N GLY A 264 3.66 -16.47 -0.26
CA GLY A 264 4.62 -17.51 -0.11
C GLY A 264 5.37 -17.73 -1.40
N SER A 265 5.03 -16.98 -2.45
CA SER A 265 5.58 -17.16 -3.81
C SER A 265 6.77 -16.28 -4.15
N TYR A 266 6.99 -15.21 -3.39
CA TYR A 266 8.13 -14.33 -3.62
C TYR A 266 8.66 -13.90 -2.26
N TYR A 267 9.97 -13.75 -2.17
CA TYR A 267 10.63 -13.18 -0.99
C TYR A 267 11.43 -11.98 -1.47
N ASN A 268 11.05 -10.76 -1.06
CA ASN A 268 11.75 -9.56 -1.51
C ASN A 268 11.90 -9.59 -3.03
N GLY A 269 10.82 -9.98 -3.67
CA GLY A 269 10.68 -9.94 -5.12
C GLY A 269 11.35 -11.09 -5.82
N ILE A 270 11.92 -12.01 -5.07
CA ILE A 270 12.63 -13.18 -5.67
C ILE A 270 11.70 -14.38 -5.59
N SER A 271 11.52 -15.12 -6.71
CA SER A 271 10.70 -16.30 -6.62
C SER A 271 11.19 -17.29 -5.58
N THR A 272 10.23 -17.87 -4.82
CA THR A 272 10.57 -18.91 -3.88
C THR A 272 10.42 -20.29 -4.50
N ASN A 273 10.14 -20.34 -5.80
CA ASN A 273 9.95 -21.62 -6.51
C ASN A 273 11.22 -21.92 -7.29
N LEU A 274 12.22 -22.38 -6.57
CA LEU A 274 13.63 -22.50 -7.03
C LEU A 274 14.12 -23.95 -7.03
#